data_4ASX
#
_entry.id   4ASX
#
_cell.length_a   110.426
_cell.length_b   110.426
_cell.length_c   208.848
_cell.angle_alpha   90.00
_cell.angle_beta   90.00
_cell.angle_gamma   120.00
#
_symmetry.space_group_name_H-M   'P 65 2 2'
#
loop_
_entity.id
_entity.type
_entity.pdbx_description
1 polymer 'ACTIVIN RECEPTOR TYPE-2A'
2 non-polymer 7,8-bis(chloranyl)-9-methyl-3,4-dihydro-2H-pyrido[3,4-b]indol-1-one
3 non-polymer 1,2-ETHANEDIOL
4 water water
#
_entity_poly.entity_id   1
_entity_poly.type   'polypeptide(L)'
_entity_poly.pdbx_seq_one_letter_code
;MGHHHHHHSSGVDLGTENLYFQSMPLQLLEVKARGRFGCVWKAQLLNEYVAVKIFPIQDKQSWQNEYEVYSLPGMKHENI
LQFIGAEKRGTSVDVDLWLITAFHEKGSLSDFLKANVVSWNELCHIAETMARGLAYLHEDIPGLKDGHKPAISHRDIKSK
NVLLKNNLTACIADFGLALKFEAGKSAGDTHGQVGTRRYMAPEVLEGAINFQRDAFLRIDMYAMGLVLWELASRCTAADG
PVDEYMLPFEEEIGQHPSLEDMQEVVVHKKKRPVLRDYWQKHAGMAMLCETIEECWDHDAEARLSAGCVGERITQMQRLT
NI
;
_entity_poly.pdbx_strand_id   A,B
#
# COMPACT_ATOMS: atom_id res chain seq x y z
N SER A 10 -25.47 -9.21 -8.70
CA SER A 10 -24.39 -8.24 -8.39
C SER A 10 -23.21 -8.42 -9.36
N GLY A 11 -23.16 -7.61 -10.42
CA GLY A 11 -22.03 -7.62 -11.35
C GLY A 11 -22.32 -7.15 -12.79
N VAL A 12 -21.48 -6.28 -13.33
CA VAL A 12 -21.68 -5.76 -14.70
C VAL A 12 -21.34 -6.88 -15.70
N ASP A 13 -21.64 -6.66 -16.98
CA ASP A 13 -21.49 -7.72 -17.97
C ASP A 13 -21.00 -7.21 -19.32
N LEU A 14 -19.69 -6.97 -19.44
CA LEU A 14 -19.10 -6.32 -20.64
C LEU A 14 -18.68 -7.27 -21.81
N GLY A 15 -18.57 -8.58 -21.54
CA GLY A 15 -18.37 -9.60 -22.60
C GLY A 15 -16.95 -9.88 -23.13
N THR A 16 -15.95 -9.82 -22.25
CA THR A 16 -14.54 -10.05 -22.63
C THR A 16 -14.02 -11.38 -22.05
N GLU A 17 -12.75 -11.70 -22.31
CA GLU A 17 -12.08 -12.94 -21.83
C GLU A 17 -12.19 -13.16 -20.31
N ASN A 18 -12.55 -14.36 -19.89
CA ASN A 18 -12.60 -14.68 -18.47
C ASN A 18 -11.71 -15.86 -18.13
N LEU A 19 -11.42 -15.99 -16.83
CA LEU A 19 -10.70 -17.14 -16.26
C LEU A 19 -11.72 -18.12 -15.68
N TYR A 20 -11.25 -19.23 -15.11
CA TYR A 20 -12.15 -20.15 -14.41
C TYR A 20 -11.70 -20.45 -13.00
N PHE A 21 -12.67 -20.61 -12.10
CA PHE A 21 -12.40 -21.16 -10.79
C PHE A 21 -13.46 -22.19 -10.50
N GLN A 22 -13.02 -23.43 -10.26
CA GLN A 22 -13.92 -24.58 -10.18
C GLN A 22 -14.90 -24.63 -11.35
N SER A 23 -14.40 -24.38 -12.55
CA SER A 23 -15.17 -24.40 -13.81
C SER A 23 -16.15 -23.25 -13.95
N MET A 24 -16.17 -22.36 -12.97
CA MET A 24 -17.02 -21.19 -13.00
C MET A 24 -16.23 -19.99 -13.55
N PRO A 25 -16.97 -19.06 -14.56
CA PRO A 25 -16.33 -17.85 -15.03
C PRO A 25 -15.89 -16.96 -13.87
N LEU A 26 -14.64 -16.52 -13.94
CA LEU A 26 -14.10 -15.55 -13.01
C LEU A 26 -13.39 -14.44 -13.78
N GLN A 27 -13.59 -13.21 -13.34
CA GLN A 27 -12.86 -12.05 -13.81
C GLN A 27 -12.37 -11.18 -12.67
N LEU A 28 -11.14 -10.68 -12.79
CA LEU A 28 -10.62 -9.70 -11.85
C LEU A 28 -11.11 -8.30 -12.22
N LEU A 29 -11.49 -7.51 -11.22
CA LEU A 29 -11.93 -6.16 -11.47
C LEU A 29 -10.78 -5.18 -11.25
N GLU A 30 -10.35 -5.01 -10.00
CA GLU A 30 -9.29 -4.08 -9.68
C GLU A 30 -8.68 -4.45 -8.34
N VAL A 31 -7.45 -4.01 -8.13
CA VAL A 31 -6.82 -4.19 -6.82
C VAL A 31 -7.57 -3.35 -5.79
N LYS A 32 -8.00 -3.97 -4.71
CA LYS A 32 -8.75 -3.29 -3.66
C LYS A 32 -7.86 -2.94 -2.46
N ALA A 33 -6.93 -3.82 -2.13
CA ALA A 33 -6.05 -3.61 -0.97
C ALA A 33 -4.78 -4.41 -1.12
N ARG A 34 -3.77 -4.02 -0.35
CA ARG A 34 -2.48 -4.68 -0.32
C ARG A 34 -2.35 -5.34 1.03
N GLY A 35 -2.39 -6.66 1.09
CA GLY A 35 -2.17 -7.36 2.35
C GLY A 35 -0.72 -7.37 2.76
N ARG A 36 -0.42 -7.97 3.90
CA ARG A 36 0.98 -8.17 4.28
C ARG A 36 1.68 -9.11 3.31
N PHE A 37 0.95 -10.07 2.77
CA PHE A 37 1.56 -11.12 1.97
C PHE A 37 1.03 -11.24 0.58
N GLY A 38 0.17 -10.36 0.16
CA GLY A 38 -0.37 -10.52 -1.16
C GLY A 38 -1.25 -9.37 -1.52
N CYS A 39 -1.78 -9.48 -2.73
CA CYS A 39 -2.60 -8.47 -3.33
C CYS A 39 -4.06 -8.92 -3.30
N VAL A 40 -4.97 -8.07 -2.82
CA VAL A 40 -6.39 -8.40 -2.74
C VAL A 40 -7.14 -7.76 -3.90
N TRP A 41 -7.69 -8.58 -4.79
CA TRP A 41 -8.53 -8.11 -5.90
C TRP A 41 -9.98 -8.22 -5.64
N LYS A 42 -10.73 -7.19 -6.03
CA LYS A 42 -12.17 -7.39 -6.19
C LYS A 42 -12.34 -8.17 -7.47
N ALA A 43 -13.17 -9.22 -7.44
CA ALA A 43 -13.39 -10.05 -8.61
C ALA A 43 -14.84 -10.45 -8.74
N GLN A 44 -15.19 -10.96 -9.91
CA GLN A 44 -16.52 -11.52 -10.11
C GLN A 44 -16.44 -13.01 -10.39
N LEU A 45 -17.16 -13.79 -9.60
CA LEU A 45 -17.23 -15.23 -9.76
C LEU A 45 -18.70 -15.59 -9.96
N LEU A 46 -18.98 -16.11 -11.15
CA LEU A 46 -20.32 -16.42 -11.56
C LEU A 46 -21.09 -15.11 -11.41
N ASN A 47 -22.02 -14.98 -10.48
CA ASN A 47 -22.78 -13.72 -10.35
C ASN A 47 -22.57 -12.93 -9.08
N GLU A 48 -21.44 -13.15 -8.44
CA GLU A 48 -21.15 -12.52 -7.16
C GLU A 48 -19.76 -11.90 -7.21
N TYR A 49 -19.60 -10.85 -6.44
CA TYR A 49 -18.31 -10.31 -6.17
C TYR A 49 -17.65 -11.14 -5.09
N VAL A 50 -16.36 -11.41 -5.28
CA VAL A 50 -15.51 -12.12 -4.33
C VAL A 50 -14.16 -11.41 -4.31
N ALA A 51 -13.34 -11.72 -3.29
CA ALA A 51 -11.99 -11.18 -3.18
C ALA A 51 -11.03 -12.30 -3.52
N VAL A 52 -10.13 -12.05 -4.46
CA VAL A 52 -9.07 -13.00 -4.80
C VAL A 52 -7.75 -12.44 -4.29
N LYS A 53 -7.20 -13.08 -3.27
N LYS A 53 -7.22 -13.08 -3.24
CA LYS A 53 -5.94 -12.66 -2.74
CA LYS A 53 -5.93 -12.74 -2.66
C LYS A 53 -4.84 -13.49 -3.41
C LYS A 53 -4.86 -13.52 -3.43
N ILE A 54 -3.92 -12.80 -4.05
CA ILE A 54 -2.89 -13.42 -4.89
C ILE A 54 -1.54 -13.19 -4.22
N PHE A 55 -0.87 -14.28 -3.86
CA PHE A 55 0.36 -14.28 -3.10
C PHE A 55 1.54 -14.57 -4.03
N PRO A 56 2.63 -13.78 -3.96
CA PRO A 56 3.81 -14.15 -4.74
C PRO A 56 4.44 -15.40 -4.17
N ILE A 57 5.14 -16.13 -5.02
CA ILE A 57 5.70 -17.42 -4.65
C ILE A 57 6.57 -17.33 -3.38
N GLN A 58 7.27 -16.23 -3.16
CA GLN A 58 8.09 -16.13 -1.93
C GLN A 58 7.27 -16.11 -0.64
N ASP A 59 5.97 -15.81 -0.73
CA ASP A 59 5.08 -15.84 0.42
C ASP A 59 4.20 -17.10 0.43
N LYS A 60 4.69 -18.16 -0.20
CA LYS A 60 3.96 -19.41 -0.23
C LYS A 60 3.59 -19.90 1.16
N GLN A 61 4.45 -19.63 2.15
CA GLN A 61 4.20 -20.15 3.48
C GLN A 61 3.00 -19.44 4.17
N SER A 62 2.76 -18.18 3.82
CA SER A 62 1.64 -17.42 4.37
C SER A 62 0.30 -17.87 3.74
N TRP A 63 0.35 -18.07 2.42
CA TRP A 63 -0.72 -18.74 1.70
C TRP A 63 -1.09 -20.06 2.34
N GLN A 64 -0.09 -20.91 2.57
CA GLN A 64 -0.34 -22.19 3.24
C GLN A 64 -0.90 -22.01 4.67
N ASN A 65 -0.31 -21.10 5.42
CA ASN A 65 -0.77 -20.81 6.77
C ASN A 65 -2.26 -20.41 6.79
N GLU A 66 -2.64 -19.51 5.91
CA GLU A 66 -4.01 -19.00 5.87
C GLU A 66 -5.01 -20.10 5.48
N TYR A 67 -4.64 -20.90 4.47
CA TYR A 67 -5.43 -22.05 4.06
C TYR A 67 -5.60 -23.06 5.19
N GLU A 68 -4.50 -23.34 5.89
CA GLU A 68 -4.53 -24.24 7.05
C GLU A 68 -5.45 -23.69 8.13
N VAL A 69 -5.36 -22.39 8.41
CA VAL A 69 -6.19 -21.80 9.46
C VAL A 69 -7.65 -21.91 9.09
N TYR A 70 -7.97 -21.56 7.84
CA TYR A 70 -9.33 -21.72 7.35
C TYR A 70 -9.84 -23.16 7.30
N SER A 71 -8.92 -24.13 7.36
CA SER A 71 -9.27 -25.56 7.29
C SER A 71 -9.42 -26.15 8.67
N LEU A 72 -9.14 -25.37 9.70
CA LEU A 72 -9.36 -25.83 11.05
C LEU A 72 -10.87 -26.01 11.33
N PRO A 73 -11.19 -26.92 12.25
CA PRO A 73 -12.57 -27.13 12.67
C PRO A 73 -13.23 -25.85 13.11
N GLY A 74 -14.47 -25.66 12.67
CA GLY A 74 -15.29 -24.56 13.17
C GLY A 74 -15.11 -23.17 12.56
N MET A 75 -14.30 -23.07 11.50
CA MET A 75 -13.90 -21.77 10.95
C MET A 75 -14.89 -21.22 9.93
N LYS A 76 -16.14 -21.10 10.38
N LYS A 76 -16.14 -21.11 10.36
CA LYS A 76 -17.24 -20.49 9.65
CA LYS A 76 -17.18 -20.44 9.63
C LYS A 76 -18.02 -19.75 10.72
C LYS A 76 -18.03 -19.75 10.68
N HIS A 77 -18.16 -18.44 10.55
CA HIS A 77 -18.72 -17.58 11.57
C HIS A 77 -19.03 -16.23 10.95
N GLU A 78 -20.14 -15.63 11.36
CA GLU A 78 -20.55 -14.33 10.83
C GLU A 78 -19.46 -13.25 10.95
N ASN A 79 -18.66 -13.33 12.01
CA ASN A 79 -17.61 -12.30 12.26
C ASN A 79 -16.16 -12.76 11.95
N ILE A 80 -16.05 -13.79 11.11
CA ILE A 80 -14.80 -14.20 10.47
C ILE A 80 -15.00 -14.11 8.95
N LEU A 81 -14.09 -13.42 8.25
CA LEU A 81 -14.22 -13.27 6.80
C LEU A 81 -14.44 -14.63 6.14
N GLN A 82 -15.51 -14.73 5.35
CA GLN A 82 -15.91 -16.03 4.78
C GLN A 82 -14.91 -16.58 3.75
N PHE A 83 -14.37 -17.75 4.02
CA PHE A 83 -13.49 -18.47 3.11
C PHE A 83 -14.35 -19.07 1.98
N ILE A 84 -13.90 -18.92 0.74
CA ILE A 84 -14.57 -19.58 -0.41
C ILE A 84 -13.70 -20.71 -0.99
N GLY A 85 -12.42 -20.46 -1.20
CA GLY A 85 -11.54 -21.50 -1.67
C GLY A 85 -10.11 -21.05 -1.79
N ALA A 86 -9.22 -22.00 -2.08
CA ALA A 86 -7.80 -21.72 -2.23
C ALA A 86 -7.24 -22.68 -3.28
N GLU A 87 -6.26 -22.22 -4.05
CA GLU A 87 -5.79 -23.05 -5.12
C GLU A 87 -4.40 -22.63 -5.58
N LYS A 88 -3.55 -23.64 -5.78
CA LYS A 88 -2.25 -23.51 -6.37
C LYS A 88 -2.47 -23.84 -7.87
N ARG A 89 -2.21 -22.85 -8.71
CA ARG A 89 -2.56 -22.86 -10.12
C ARG A 89 -1.31 -22.47 -10.92
N GLY A 90 -1.44 -22.51 -12.26
CA GLY A 90 -0.34 -22.16 -13.18
C GLY A 90 0.57 -23.36 -13.41
N THR A 91 1.88 -23.13 -13.37
CA THR A 91 2.86 -24.21 -13.42
C THR A 91 3.84 -24.07 -12.25
N SER A 92 4.62 -25.12 -12.00
CA SER A 92 5.63 -25.09 -10.93
C SER A 92 6.75 -24.09 -11.20
N VAL A 93 6.82 -23.53 -12.41
CA VAL A 93 7.79 -22.48 -12.73
C VAL A 93 7.14 -21.07 -12.62
N ASP A 94 5.84 -20.96 -12.90
CA ASP A 94 5.08 -19.72 -12.63
C ASP A 94 3.84 -20.02 -11.81
N VAL A 95 4.02 -20.04 -10.50
CA VAL A 95 3.01 -20.53 -9.61
C VAL A 95 2.05 -19.39 -9.30
N ASP A 96 0.76 -19.63 -9.47
CA ASP A 96 -0.25 -18.67 -9.06
C ASP A 96 -0.84 -19.20 -7.77
N LEU A 97 -0.76 -18.43 -6.70
CA LEU A 97 -1.30 -18.86 -5.41
C LEU A 97 -2.51 -17.98 -5.06
N TRP A 98 -3.70 -18.57 -5.05
CA TRP A 98 -4.92 -17.81 -4.83
C TRP A 98 -5.62 -18.20 -3.58
N LEU A 99 -6.18 -17.23 -2.88
CA LEU A 99 -7.10 -17.52 -1.82
C LEU A 99 -8.29 -16.61 -2.01
N ILE A 100 -9.49 -17.19 -2.09
CA ILE A 100 -10.68 -16.49 -2.39
C ILE A 100 -11.58 -16.45 -1.15
N THR A 101 -12.11 -15.26 -0.90
CA THR A 101 -12.98 -14.98 0.24
C THR A 101 -14.18 -14.17 -0.22
N ALA A 102 -15.09 -13.91 0.70
CA ALA A 102 -16.12 -12.93 0.43
C ALA A 102 -15.48 -11.58 0.15
N PHE A 103 -16.21 -10.75 -0.58
CA PHE A 103 -15.84 -9.38 -0.83
C PHE A 103 -16.84 -8.46 -0.15
N HIS A 104 -16.34 -7.40 0.48
CA HIS A 104 -17.23 -6.42 1.17
C HIS A 104 -16.91 -5.04 0.67
N GLU A 105 -17.92 -4.37 0.12
CA GLU A 105 -17.69 -3.12 -0.64
C GLU A 105 -17.16 -2.04 0.27
N LYS A 106 -17.64 -2.00 1.50
CA LYS A 106 -17.12 -1.00 2.43
C LYS A 106 -15.65 -1.19 2.78
N GLY A 107 -15.10 -2.38 2.56
CA GLY A 107 -13.69 -2.63 2.88
C GLY A 107 -13.33 -2.63 4.37
N SER A 108 -12.10 -2.22 4.66
CA SER A 108 -11.58 -2.29 6.02
C SER A 108 -12.18 -1.20 6.87
N LEU A 109 -12.16 -1.41 8.17
CA LEU A 109 -12.60 -0.41 9.10
C LEU A 109 -11.73 0.84 8.91
N SER A 110 -10.46 0.61 8.66
CA SER A 110 -9.52 1.68 8.34
C SER A 110 -10.00 2.61 7.21
N ASP A 111 -10.27 2.04 6.05
CA ASP A 111 -10.79 2.83 4.96
C ASP A 111 -12.11 3.49 5.32
N PHE A 112 -12.99 2.79 6.03
CA PHE A 112 -14.28 3.35 6.38
C PHE A 112 -14.15 4.60 7.26
N LEU A 113 -13.35 4.49 8.32
CA LEU A 113 -13.14 5.55 9.27
C LEU A 113 -12.38 6.75 8.69
N LYS A 114 -11.59 6.53 7.66
CA LYS A 114 -10.99 7.62 6.97
C LYS A 114 -12.01 8.56 6.33
N ALA A 115 -13.07 7.98 5.79
CA ALA A 115 -14.04 8.68 4.98
C ALA A 115 -15.34 8.95 5.74
N ASN A 116 -15.56 8.28 6.88
CA ASN A 116 -16.85 8.31 7.56
C ASN A 116 -16.65 8.42 9.09
N VAL A 117 -17.63 9.00 9.74
CA VAL A 117 -17.78 8.91 11.19
C VAL A 117 -18.86 7.89 11.54
N VAL A 118 -18.93 7.50 12.81
CA VAL A 118 -19.89 6.55 13.33
C VAL A 118 -20.61 7.19 14.53
N SER A 119 -21.92 6.95 14.61
CA SER A 119 -22.69 7.30 15.82
C SER A 119 -22.31 6.34 16.95
N TRP A 120 -22.84 6.64 18.12
CA TRP A 120 -22.65 5.83 19.30
C TRP A 120 -23.12 4.42 19.07
N ASN A 121 -24.28 4.28 18.46
CA ASN A 121 -24.86 2.96 18.31
C ASN A 121 -24.19 2.15 17.18
N GLU A 122 -23.75 2.84 16.11
CA GLU A 122 -22.90 2.21 15.08
C GLU A 122 -21.56 1.74 15.64
N LEU A 123 -20.93 2.59 16.45
CA LEU A 123 -19.70 2.21 17.10
C LEU A 123 -19.94 0.95 17.91
N CYS A 124 -21.06 0.89 18.66
CA CYS A 124 -21.32 -0.30 19.48
C CYS A 124 -21.49 -1.56 18.64
N HIS A 125 -22.18 -1.45 17.51
CA HIS A 125 -22.34 -2.60 16.59
C HIS A 125 -21.04 -3.12 16.02
N ILE A 126 -20.17 -2.22 15.58
CA ILE A 126 -18.91 -2.59 14.98
C ILE A 126 -18.00 -3.17 16.06
N ALA A 127 -17.94 -2.49 17.20
CA ALA A 127 -17.18 -2.96 18.36
C ALA A 127 -17.60 -4.34 18.83
N GLU A 128 -18.91 -4.57 18.99
CA GLU A 128 -19.37 -5.85 19.51
C GLU A 128 -19.08 -6.96 18.52
N THR A 129 -19.36 -6.73 17.24
CA THR A 129 -19.16 -7.77 16.26
C THR A 129 -17.68 -8.10 16.05
N MET A 130 -16.84 -7.08 16.07
CA MET A 130 -15.41 -7.28 15.97
C MET A 130 -14.89 -8.10 17.15
N ALA A 131 -15.31 -7.74 18.35
CA ALA A 131 -14.95 -8.43 19.57
C ALA A 131 -15.42 -9.88 19.55
N ARG A 132 -16.64 -10.12 19.09
CA ARG A 132 -17.14 -11.47 18.99
C ARG A 132 -16.37 -12.31 17.99
N GLY A 133 -15.89 -11.69 16.91
CA GLY A 133 -15.12 -12.42 15.93
C GLY A 133 -13.77 -12.76 16.52
N LEU A 134 -13.13 -11.81 17.22
CA LEU A 134 -11.87 -12.11 17.84
C LEU A 134 -11.99 -13.15 18.95
N ALA A 135 -13.07 -13.09 19.74
CA ALA A 135 -13.30 -14.05 20.82
C ALA A 135 -13.48 -15.45 20.25
N TYR A 136 -14.16 -15.57 19.12
CA TYR A 136 -14.38 -16.84 18.52
C TYR A 136 -13.03 -17.38 17.99
N LEU A 137 -12.26 -16.54 17.29
CA LEU A 137 -10.94 -16.93 16.84
C LEU A 137 -10.10 -17.46 18.01
N HIS A 138 -10.15 -16.72 19.12
CA HIS A 138 -9.46 -17.08 20.33
C HIS A 138 -9.95 -18.27 21.10
N GLU A 139 -11.15 -18.76 20.80
N GLU A 139 -11.14 -18.78 20.78
CA GLU A 139 -11.79 -19.77 21.67
CA GLU A 139 -11.80 -19.77 21.62
C GLU A 139 -11.41 -21.18 21.28
C GLU A 139 -11.41 -21.19 21.26
N ASP A 140 -11.07 -21.98 22.29
CA ASP A 140 -10.86 -23.40 22.12
C ASP A 140 -12.24 -24.04 22.20
N ILE A 141 -12.61 -24.78 21.16
CA ILE A 141 -13.99 -25.30 21.04
C ILE A 141 -13.98 -26.78 20.71
N PRO A 142 -14.04 -27.63 21.74
CA PRO A 142 -14.16 -29.04 21.49
C PRO A 142 -15.56 -29.43 21.05
N GLY A 143 -15.65 -30.57 20.40
CA GLY A 143 -16.92 -31.21 20.10
C GLY A 143 -17.66 -30.72 18.88
N LEU A 144 -16.94 -30.15 17.92
CA LEU A 144 -17.52 -29.80 16.66
C LEU A 144 -17.58 -31.06 15.81
N LYS A 145 -18.59 -31.12 14.96
CA LYS A 145 -18.73 -32.19 13.98
C LYS A 145 -17.45 -32.38 13.12
N ASP A 146 -16.72 -31.31 12.84
CA ASP A 146 -15.48 -31.45 12.11
C ASP A 146 -14.23 -31.57 12.98
N GLY A 147 -14.34 -31.61 14.31
CA GLY A 147 -13.20 -31.82 15.18
C GLY A 147 -13.12 -30.82 16.32
N HIS A 148 -11.90 -30.54 16.79
CA HIS A 148 -11.63 -29.71 17.95
C HIS A 148 -11.05 -28.41 17.44
N LYS A 149 -11.76 -27.30 17.57
CA LYS A 149 -11.18 -26.02 17.18
C LYS A 149 -10.20 -25.55 18.23
N PRO A 150 -8.94 -25.34 17.82
CA PRO A 150 -7.99 -24.71 18.74
C PRO A 150 -8.17 -23.17 18.89
N ALA A 151 -7.79 -22.64 20.05
CA ALA A 151 -7.54 -21.21 20.19
C ALA A 151 -6.54 -20.77 19.10
N ILE A 152 -6.79 -19.65 18.46
CA ILE A 152 -5.94 -19.16 17.39
C ILE A 152 -5.58 -17.70 17.69
N SER A 153 -4.30 -17.37 17.75
CA SER A 153 -3.87 -15.97 17.85
C SER A 153 -3.81 -15.42 16.43
N HIS A 154 -4.19 -14.17 16.24
CA HIS A 154 -4.17 -13.53 14.93
C HIS A 154 -2.80 -12.98 14.56
N ARG A 155 -2.21 -12.22 15.50
CA ARG A 155 -0.84 -11.70 15.41
C ARG A 155 -0.66 -10.45 14.56
N ASP A 156 -1.74 -9.91 14.00
CA ASP A 156 -1.71 -8.62 13.29
C ASP A 156 -3.05 -7.93 13.31
N ILE A 157 -3.62 -7.81 14.49
CA ILE A 157 -4.89 -7.19 14.68
C ILE A 157 -4.66 -5.67 14.48
N LYS A 158 -5.49 -5.10 13.63
CA LYS A 158 -5.43 -3.71 13.27
C LYS A 158 -6.69 -3.37 12.49
N SER A 159 -6.99 -2.10 12.32
CA SER A 159 -8.20 -1.69 11.63
C SER A 159 -8.15 -2.04 10.13
N LYS A 160 -6.98 -2.22 9.53
CA LYS A 160 -6.94 -2.77 8.16
C LYS A 160 -7.40 -4.21 8.01
N ASN A 161 -7.43 -4.96 9.10
CA ASN A 161 -7.75 -6.36 9.04
C ASN A 161 -9.13 -6.65 9.63
N VAL A 162 -9.93 -5.61 9.88
CA VAL A 162 -11.32 -5.75 10.25
C VAL A 162 -12.13 -5.19 9.11
N LEU A 163 -13.02 -6.00 8.52
CA LEU A 163 -13.80 -5.59 7.36
C LEU A 163 -15.23 -5.34 7.77
N LEU A 164 -15.90 -4.42 7.11
CA LEU A 164 -17.29 -4.10 7.43
C LEU A 164 -18.20 -4.55 6.36
N LYS A 165 -19.23 -5.30 6.74
CA LYS A 165 -20.31 -5.70 5.84
C LYS A 165 -21.25 -4.52 5.62
N ASN A 166 -22.24 -4.70 4.76
CA ASN A 166 -23.13 -3.61 4.37
C ASN A 166 -23.83 -2.94 5.53
N ASN A 167 -24.23 -3.69 6.54
CA ASN A 167 -24.85 -3.08 7.75
C ASN A 167 -23.88 -2.79 8.87
N LEU A 168 -22.58 -2.71 8.54
CA LEU A 168 -21.52 -2.37 9.49
C LEU A 168 -21.12 -3.50 10.44
N THR A 169 -21.64 -4.71 10.23
CA THR A 169 -21.13 -5.89 10.93
C THR A 169 -19.67 -6.12 10.57
N ALA A 170 -18.81 -6.24 11.58
CA ALA A 170 -17.39 -6.42 11.40
C ALA A 170 -17.06 -7.89 11.27
N CYS A 171 -16.00 -8.19 10.51
CA CYS A 171 -15.40 -9.51 10.50
C CYS A 171 -13.89 -9.43 10.42
N ILE A 172 -13.23 -10.46 11.00
CA ILE A 172 -11.78 -10.53 11.13
C ILE A 172 -11.20 -11.17 9.87
N ALA A 173 -10.19 -10.51 9.29
CA ALA A 173 -9.56 -10.97 8.05
C ALA A 173 -8.04 -11.15 8.20
N ASP A 174 -7.48 -11.96 7.32
CA ASP A 174 -6.06 -12.15 7.14
C ASP A 174 -5.42 -13.02 8.21
N PHE A 175 -5.29 -14.31 7.89
CA PHE A 175 -4.74 -15.29 8.81
C PHE A 175 -3.38 -15.79 8.37
N GLY A 176 -2.65 -14.96 7.61
CA GLY A 176 -1.27 -15.28 7.16
C GLY A 176 -0.22 -15.43 8.25
N LEU A 177 -0.45 -14.73 9.37
CA LEU A 177 0.41 -14.82 10.56
C LEU A 177 -0.20 -15.60 11.72
N ALA A 178 -1.43 -16.02 11.58
CA ALA A 178 -2.13 -16.61 12.69
C ALA A 178 -1.46 -17.90 13.15
N LEU A 179 -1.51 -18.13 14.46
CA LEU A 179 -0.88 -19.28 15.04
C LEU A 179 -1.84 -19.95 16.02
N LYS A 180 -2.11 -21.22 15.78
CA LYS A 180 -2.97 -21.99 16.65
C LYS A 180 -2.23 -22.50 17.88
N PHE A 181 -2.97 -22.70 18.96
CA PHE A 181 -2.43 -23.32 20.16
C PHE A 181 -3.29 -24.53 20.53
N GLU A 182 -2.69 -25.69 20.55
CA GLU A 182 -3.35 -26.91 21.07
C GLU A 182 -3.65 -26.84 22.58
N ALA A 183 -2.66 -26.49 23.40
CA ALA A 183 -2.84 -26.56 24.85
C ALA A 183 -2.47 -25.24 25.53
N GLY A 184 -2.54 -25.21 26.86
CA GLY A 184 -2.20 -24.02 27.66
C GLY A 184 -0.77 -23.96 28.18
N LYS A 185 -0.03 -25.07 28.09
CA LYS A 185 1.38 -25.12 28.54
C LYS A 185 2.30 -24.15 27.77
N SER A 186 3.28 -23.56 28.48
CA SER A 186 4.32 -22.74 27.84
C SER A 186 5.33 -23.58 27.01
N ALA A 187 5.98 -22.96 26.03
CA ALA A 187 7.03 -23.62 25.22
C ALA A 187 8.37 -22.79 25.12
N GLY A 188 8.68 -22.01 26.16
CA GLY A 188 9.91 -21.18 26.20
C GLY A 188 9.66 -19.67 26.09
N THR A 190 10.00 -16.71 23.57
CA THR A 190 10.33 -16.29 22.21
C THR A 190 10.29 -14.76 21.97
N HIS A 191 10.82 -14.33 20.82
CA HIS A 191 10.68 -12.94 20.31
C HIS A 191 9.59 -12.99 19.26
N GLY A 192 8.77 -11.94 19.16
CA GLY A 192 7.61 -11.99 18.28
C GLY A 192 7.17 -10.70 17.62
N GLN A 193 8.08 -10.07 16.90
CA GLN A 193 7.78 -8.83 16.18
C GLN A 193 7.41 -9.12 14.69
N VAL A 194 6.32 -9.86 14.49
CA VAL A 194 5.90 -10.24 13.15
C VAL A 194 4.80 -9.33 12.67
N GLY A 195 4.15 -8.62 13.58
CA GLY A 195 2.96 -7.84 13.22
C GLY A 195 3.31 -6.42 12.87
N THR A 196 2.33 -5.54 12.98
CA THR A 196 2.45 -4.15 12.58
C THR A 196 2.96 -3.40 13.80
N ARG A 197 4.06 -2.68 13.59
CA ARG A 197 4.79 -2.11 14.68
C ARG A 197 3.98 -1.20 15.63
N ARG A 198 3.17 -0.28 15.10
CA ARG A 198 2.42 0.66 15.97
C ARG A 198 1.41 -0.01 16.88
N TYR A 199 0.95 -1.19 16.50
CA TYR A 199 0.02 -1.96 17.32
C TYR A 199 0.71 -2.97 18.24
N MET A 200 2.05 -3.04 18.22
CA MET A 200 2.74 -4.02 19.08
C MET A 200 2.68 -3.68 20.59
N ALA A 201 2.32 -4.67 21.41
CA ALA A 201 2.28 -4.51 22.87
C ALA A 201 3.70 -4.19 23.41
N PRO A 202 3.80 -3.58 24.62
CA PRO A 202 5.13 -3.30 25.19
C PRO A 202 6.07 -4.50 25.24
N GLU A 203 5.58 -5.66 25.70
CA GLU A 203 6.45 -6.85 25.80
C GLU A 203 6.98 -7.32 24.42
N VAL A 204 6.19 -7.09 23.36
CA VAL A 204 6.63 -7.39 22.02
C VAL A 204 7.73 -6.44 21.57
N LEU A 205 7.55 -5.14 21.82
CA LEU A 205 8.54 -4.11 21.46
C LEU A 205 9.89 -4.30 22.19
N GLU A 206 9.82 -4.86 23.38
CA GLU A 206 11.01 -5.17 24.16
C GLU A 206 11.66 -6.46 23.69
N GLY A 207 10.93 -7.26 22.93
CA GLY A 207 11.49 -8.43 22.28
C GLY A 207 11.57 -9.66 23.15
N ALA A 208 10.75 -9.77 24.19
CA ALA A 208 10.96 -10.85 25.17
C ALA A 208 9.64 -11.47 25.62
N ILE A 209 9.13 -12.50 24.92
CA ILE A 209 7.76 -13.03 25.22
C ILE A 209 7.66 -14.53 25.51
N ASN A 210 6.58 -14.89 26.18
CA ASN A 210 6.28 -16.26 26.57
C ASN A 210 5.61 -16.94 25.38
N PHE A 211 6.15 -18.09 24.98
CA PHE A 211 5.56 -18.86 23.91
C PHE A 211 4.44 -19.73 24.46
N GLN A 212 3.37 -19.07 24.84
CA GLN A 212 2.27 -19.67 25.54
C GLN A 212 1.01 -19.00 25.00
N ARG A 213 -0.08 -19.75 24.99
CA ARG A 213 -1.34 -19.30 24.42
C ARG A 213 -1.77 -17.96 24.98
N ASP A 214 -1.90 -17.86 26.30
CA ASP A 214 -2.37 -16.61 26.90
C ASP A 214 -1.49 -15.41 26.61
N ALA A 215 -0.18 -15.60 26.52
CA ALA A 215 0.71 -14.48 26.16
C ALA A 215 0.33 -13.95 24.80
N PHE A 216 0.08 -14.85 23.85
CA PHE A 216 -0.22 -14.43 22.49
C PHE A 216 -1.61 -13.84 22.37
N LEU A 217 -2.60 -14.38 23.09
CA LEU A 217 -3.93 -13.76 23.13
C LEU A 217 -3.89 -12.32 23.73
N ARG A 218 -3.10 -12.11 24.78
CA ARG A 218 -2.98 -10.77 25.42
C ARG A 218 -2.34 -9.73 24.53
N ILE A 219 -1.51 -10.19 23.59
CA ILE A 219 -0.89 -9.36 22.59
C ILE A 219 -1.96 -8.86 21.57
N ASP A 220 -2.81 -9.78 21.12
CA ASP A 220 -3.96 -9.42 20.25
C ASP A 220 -4.89 -8.42 20.94
N MET A 221 -5.08 -8.60 22.24
CA MET A 221 -6.03 -7.78 22.99
C MET A 221 -5.52 -6.33 23.19
N TYR A 222 -4.22 -6.15 23.37
CA TYR A 222 -3.62 -4.82 23.33
C TYR A 222 -3.90 -4.08 22.00
N ALA A 223 -3.67 -4.80 20.90
CA ALA A 223 -3.91 -4.24 19.56
C ALA A 223 -5.41 -3.95 19.42
N MET A 224 -6.27 -4.85 19.89
CA MET A 224 -7.69 -4.55 19.75
C MET A 224 -8.09 -3.31 20.57
N GLY A 225 -7.45 -3.09 21.71
CA GLY A 225 -7.68 -1.85 22.43
C GLY A 225 -7.41 -0.65 21.56
N LEU A 226 -6.35 -0.71 20.77
CA LEU A 226 -6.04 0.43 19.87
C LEU A 226 -7.08 0.58 18.78
N VAL A 227 -7.63 -0.55 18.29
CA VAL A 227 -8.69 -0.46 17.27
C VAL A 227 -9.93 0.21 17.84
N LEU A 228 -10.27 -0.13 19.07
CA LEU A 228 -11.38 0.49 19.77
C LEU A 228 -11.15 1.98 19.96
N TRP A 229 -9.91 2.37 20.20
CA TRP A 229 -9.61 3.82 20.27
C TRP A 229 -9.87 4.48 18.93
N GLU A 230 -9.46 3.81 17.85
CA GLU A 230 -9.75 4.34 16.50
C GLU A 230 -11.26 4.61 16.31
N LEU A 231 -12.08 3.63 16.65
CA LEU A 231 -13.55 3.79 16.65
C LEU A 231 -13.96 5.02 17.50
N ALA A 232 -13.44 5.13 18.74
CA ALA A 232 -13.85 6.23 19.60
C ALA A 232 -13.46 7.60 18.97
N SER A 233 -12.30 7.64 18.33
CA SER A 233 -11.74 8.86 17.75
C SER A 233 -12.60 9.36 16.60
N ARG A 234 -13.43 8.50 16.03
CA ARG A 234 -14.25 8.93 14.92
C ARG A 234 -15.73 8.83 15.24
N CYS A 235 -16.06 8.93 16.52
CA CYS A 235 -17.42 8.70 17.00
C CYS A 235 -18.10 10.02 17.37
N THR A 236 -19.34 10.19 16.96
CA THR A 236 -20.05 11.46 17.14
C THR A 236 -20.86 11.49 18.45
N ALA A 237 -20.62 10.51 19.33
CA ALA A 237 -21.40 10.36 20.58
C ALA A 237 -21.29 11.64 21.39
N ALA A 238 -22.37 12.15 21.92
CA ALA A 238 -22.24 13.40 22.71
C ALA A 238 -22.00 14.65 21.85
N ASP A 239 -21.93 14.51 20.54
CA ASP A 239 -21.96 15.65 19.65
C ASP A 239 -20.81 16.63 19.86
N GLY A 240 -19.59 16.12 19.92
CA GLY A 240 -18.41 16.99 20.06
C GLY A 240 -17.63 17.10 18.77
N PRO A 241 -16.45 17.74 18.83
CA PRO A 241 -15.63 17.81 17.63
C PRO A 241 -15.05 16.42 17.29
N VAL A 242 -14.94 16.14 15.99
CA VAL A 242 -14.33 14.93 15.54
C VAL A 242 -13.31 15.32 14.47
N ASP A 243 -12.08 14.89 14.69
CA ASP A 243 -11.00 15.31 13.82
C ASP A 243 -10.86 14.26 12.75
N GLU A 244 -10.05 14.59 11.76
CA GLU A 244 -9.72 13.66 10.68
C GLU A 244 -9.09 12.38 11.27
N TYR A 245 -9.32 11.26 10.63
CA TYR A 245 -8.76 9.98 11.05
C TYR A 245 -7.23 10.02 11.15
N MET A 246 -6.73 9.52 12.28
CA MET A 246 -5.32 9.38 12.57
C MET A 246 -5.04 7.96 13.04
N LEU A 247 -3.93 7.39 12.59
CA LEU A 247 -3.47 6.09 13.11
C LEU A 247 -3.15 6.20 14.61
N PRO A 248 -3.31 5.09 15.35
CA PRO A 248 -2.85 5.09 16.72
C PRO A 248 -1.37 5.48 16.78
N PHE A 249 -1.02 6.36 17.70
CA PHE A 249 0.32 6.94 17.85
C PHE A 249 0.81 7.87 16.76
N GLU A 250 0.02 8.13 15.73
CA GLU A 250 0.44 9.03 14.64
C GLU A 250 0.69 10.44 15.16
N GLU A 251 -0.21 10.95 15.98
CA GLU A 251 -0.01 12.24 16.66
C GLU A 251 1.35 12.31 17.39
N GLU A 252 1.72 11.24 18.10
CA GLU A 252 2.96 11.25 18.91
C GLU A 252 4.25 10.98 18.09
N ILE A 253 4.23 10.02 17.17
CA ILE A 253 5.43 9.61 16.41
C ILE A 253 5.22 9.41 14.91
N GLY A 254 4.14 9.95 14.34
CA GLY A 254 4.02 9.95 12.89
C GLY A 254 3.55 8.65 12.27
N GLN A 255 3.63 8.62 10.94
CA GLN A 255 3.06 7.56 10.18
C GLN A 255 4.03 6.40 9.96
N HIS A 256 5.32 6.61 10.20
CA HIS A 256 6.28 5.53 9.94
C HIS A 256 7.30 5.38 11.05
N PRO A 257 6.87 4.96 12.24
CA PRO A 257 7.76 5.00 13.39
C PRO A 257 8.87 3.95 13.34
N SER A 258 10.03 4.26 13.92
CA SER A 258 11.08 3.25 14.07
C SER A 258 10.72 2.39 15.28
N LEU A 259 11.38 1.25 15.43
CA LEU A 259 11.21 0.43 16.64
C LEU A 259 11.56 1.26 17.88
N GLU A 260 12.65 2.01 17.78
CA GLU A 260 13.08 2.91 18.86
C GLU A 260 12.04 3.94 19.29
N ASP A 261 11.41 4.61 18.32
CA ASP A 261 10.30 5.56 18.62
C ASP A 261 9.19 4.85 19.40
N MET A 262 8.79 3.68 18.93
CA MET A 262 7.70 2.97 19.60
C MET A 262 8.10 2.59 20.99
N GLN A 263 9.34 2.13 21.14
CA GLN A 263 9.84 1.74 22.45
C GLN A 263 9.77 2.93 23.41
N GLU A 264 10.16 4.11 22.95
N GLU A 264 10.18 4.10 22.95
CA GLU A 264 10.17 5.31 23.78
CA GLU A 264 10.17 5.31 23.77
C GLU A 264 8.77 5.71 24.24
C GLU A 264 8.76 5.69 24.24
N VAL A 265 7.83 5.82 23.30
CA VAL A 265 6.45 6.21 23.63
C VAL A 265 5.71 5.13 24.42
N VAL A 266 5.74 3.88 23.93
CA VAL A 266 4.89 2.84 24.49
C VAL A 266 5.48 2.21 25.75
N VAL A 267 6.78 1.92 25.73
CA VAL A 267 7.44 1.18 26.83
C VAL A 267 7.98 2.10 27.92
N HIS A 268 8.81 3.06 27.55
CA HIS A 268 9.47 3.91 28.56
C HIS A 268 8.56 4.98 29.12
N LYS A 269 7.73 5.56 28.27
CA LYS A 269 6.80 6.58 28.71
C LYS A 269 5.42 6.05 29.05
N LYS A 270 5.16 4.78 28.72
CA LYS A 270 3.90 4.14 29.00
C LYS A 270 2.73 4.97 28.49
N LYS A 271 2.90 5.62 27.35
CA LYS A 271 1.86 6.44 26.78
C LYS A 271 0.96 5.66 25.81
N ARG A 272 -0.27 6.14 25.69
CA ARG A 272 -1.23 5.58 24.78
C ARG A 272 -1.94 6.70 24.07
N PRO A 273 -2.69 6.35 23.03
CA PRO A 273 -3.47 7.41 22.38
C PRO A 273 -4.37 8.14 23.36
N VAL A 274 -4.59 9.41 23.11
CA VAL A 274 -5.28 10.28 24.06
C VAL A 274 -6.77 9.91 24.13
N LEU A 275 -7.27 9.70 25.34
CA LEU A 275 -8.71 9.59 25.58
C LEU A 275 -9.21 10.99 25.93
N ARG A 276 -10.00 11.60 25.06
CA ARG A 276 -10.33 13.02 25.20
C ARG A 276 -11.20 13.27 26.41
N ASP A 277 -11.01 14.40 27.06
CA ASP A 277 -11.79 14.75 28.27
C ASP A 277 -13.30 14.78 28.00
N TYR A 278 -13.72 15.40 26.90
CA TYR A 278 -15.16 15.52 26.67
C TYR A 278 -15.85 14.17 26.49
N TRP A 279 -15.12 13.10 26.17
CA TRP A 279 -15.72 11.74 26.09
C TRP A 279 -16.16 11.21 27.43
N GLN A 280 -15.64 11.75 28.52
CA GLN A 280 -16.06 11.27 29.83
C GLN A 280 -17.46 11.75 30.21
N LYS A 281 -18.01 12.73 29.49
CA LYS A 281 -19.35 13.26 29.79
C LYS A 281 -20.48 12.40 29.22
N HIS A 282 -20.16 11.45 28.34
CA HIS A 282 -21.14 10.52 27.77
C HIS A 282 -20.90 9.22 28.46
N ALA A 283 -21.90 8.72 29.17
CA ALA A 283 -21.75 7.52 30.00
C ALA A 283 -21.27 6.30 29.22
N GLY A 284 -21.71 6.19 27.96
CA GLY A 284 -21.31 5.04 27.11
C GLY A 284 -19.85 5.18 26.76
N MET A 285 -19.47 6.36 26.27
CA MET A 285 -18.07 6.60 25.93
C MET A 285 -17.10 6.41 27.11
N ALA A 286 -17.52 6.85 28.30
CA ALA A 286 -16.71 6.72 29.52
C ALA A 286 -16.43 5.25 29.80
N MET A 287 -17.45 4.44 29.65
CA MET A 287 -17.30 3.02 29.84
C MET A 287 -16.43 2.41 28.73
N LEU A 288 -16.54 2.91 27.49
CA LEU A 288 -15.68 2.47 26.41
C LEU A 288 -14.22 2.78 26.77
N CYS A 289 -13.97 3.99 27.21
CA CYS A 289 -12.64 4.44 27.64
C CYS A 289 -12.06 3.56 28.73
N GLU A 290 -12.85 3.20 29.75
CA GLU A 290 -12.35 2.25 30.76
C GLU A 290 -11.96 0.92 30.14
N THR A 291 -12.79 0.42 29.24
CA THR A 291 -12.54 -0.85 28.59
C THR A 291 -11.23 -0.83 27.78
N ILE A 292 -11.04 0.23 27.00
CA ILE A 292 -9.85 0.40 26.17
C ILE A 292 -8.62 0.40 27.10
N GLU A 293 -8.70 1.16 28.18
CA GLU A 293 -7.57 1.21 29.14
C GLU A 293 -7.16 -0.14 29.68
N GLU A 294 -8.13 -0.99 30.00
CA GLU A 294 -7.83 -2.34 30.44
C GLU A 294 -7.25 -3.20 29.34
N CYS A 295 -7.68 -2.96 28.09
CA CYS A 295 -7.14 -3.67 26.94
C CYS A 295 -5.68 -3.35 26.65
N TRP A 296 -5.30 -2.08 26.78
CA TRP A 296 -3.91 -1.70 26.49
C TRP A 296 -3.00 -1.56 27.68
N ASP A 297 -3.36 -2.18 28.79
CA ASP A 297 -2.54 -2.08 30.00
C ASP A 297 -1.10 -2.56 29.75
N HIS A 298 -0.14 -1.89 30.38
CA HIS A 298 1.25 -2.35 30.33
C HIS A 298 1.32 -3.76 30.84
N ASP A 299 0.58 -4.06 31.90
CA ASP A 299 0.54 -5.38 32.51
C ASP A 299 -0.33 -6.32 31.67
N ALA A 300 0.33 -7.25 30.96
CA ALA A 300 -0.37 -8.14 30.06
C ALA A 300 -1.46 -8.92 30.78
N GLU A 301 -1.18 -9.38 32.00
CA GLU A 301 -2.12 -10.20 32.74
C GLU A 301 -3.32 -9.41 33.17
N ALA A 302 -3.21 -8.09 33.13
CA ALA A 302 -4.32 -7.21 33.46
C ALA A 302 -5.27 -7.01 32.27
N ARG A 303 -4.85 -7.38 31.07
CA ARG A 303 -5.70 -7.12 29.91
C ARG A 303 -6.96 -7.94 29.91
N LEU A 304 -8.01 -7.37 29.39
CA LEU A 304 -9.26 -8.11 29.30
C LEU A 304 -9.18 -9.17 28.20
N SER A 305 -9.91 -10.26 28.37
CA SER A 305 -10.07 -11.25 27.30
C SER A 305 -11.01 -10.71 26.20
N ALA A 306 -10.91 -11.28 25.00
CA ALA A 306 -11.79 -10.87 23.93
C ALA A 306 -13.29 -11.03 24.30
N GLY A 307 -13.63 -12.13 24.94
CA GLY A 307 -15.01 -12.43 25.35
C GLY A 307 -15.54 -11.42 26.36
N CYS A 308 -14.71 -11.08 27.35
N CYS A 308 -14.69 -11.07 27.33
CA CYS A 308 -15.04 -10.05 28.31
CA CYS A 308 -15.01 -10.05 28.33
C CYS A 308 -15.36 -8.73 27.61
C CYS A 308 -15.23 -8.65 27.74
N VAL A 309 -14.50 -8.31 26.69
CA VAL A 309 -14.77 -7.08 25.93
C VAL A 309 -16.13 -7.13 25.24
N GLY A 310 -16.45 -8.29 24.66
CA GLY A 310 -17.75 -8.49 24.04
C GLY A 310 -18.88 -8.11 24.96
N GLU A 311 -18.74 -8.49 26.22
CA GLU A 311 -19.83 -8.27 27.14
C GLU A 311 -19.87 -6.85 27.66
N ARG A 312 -18.70 -6.25 27.84
CA ARG A 312 -18.62 -4.84 28.18
C ARG A 312 -19.34 -3.99 27.16
N ILE A 313 -19.14 -4.31 25.88
CA ILE A 313 -19.77 -3.57 24.82
C ILE A 313 -21.28 -3.75 24.88
N THR A 314 -21.74 -4.98 25.02
CA THR A 314 -23.18 -5.22 25.20
C THR A 314 -23.71 -4.42 26.38
N GLN A 315 -22.99 -4.45 27.50
CA GLN A 315 -23.33 -3.67 28.69
C GLN A 315 -23.46 -2.19 28.41
N MET A 316 -22.42 -1.63 27.78
CA MET A 316 -22.37 -0.20 27.52
C MET A 316 -23.45 0.20 26.49
N GLN A 317 -23.79 -0.69 25.57
CA GLN A 317 -24.81 -0.41 24.54
C GLN A 317 -26.18 -0.38 25.22
N ARG A 318 -26.32 -1.14 26.31
CA ARG A 318 -27.57 -1.18 27.06
C ARG A 318 -27.57 -0.24 28.25
N LEU A 319 -26.57 0.65 28.31
CA LEU A 319 -26.44 1.59 29.42
C LEU A 319 -27.52 2.64 29.38
N THR A 320 -27.84 3.10 30.57
CA THR A 320 -29.16 3.63 30.90
C THR A 320 -29.08 5.05 31.46
N LEU B 14 -12.80 35.68 -5.12
CA LEU B 14 -12.96 36.61 -6.26
C LEU B 14 -13.92 36.09 -7.37
N GLY B 15 -13.57 34.96 -8.01
CA GLY B 15 -14.20 34.49 -9.26
C GLY B 15 -15.51 33.72 -9.20
N THR B 16 -16.52 34.25 -9.88
CA THR B 16 -17.80 33.56 -10.10
C THR B 16 -17.80 32.72 -11.41
N GLU B 17 -16.83 32.95 -12.29
CA GLU B 17 -16.78 32.25 -13.56
C GLU B 17 -16.03 30.95 -13.42
N ASN B 18 -16.57 29.89 -14.02
CA ASN B 18 -15.95 28.59 -14.03
C ASN B 18 -15.70 28.12 -15.44
N LEU B 19 -14.78 27.19 -15.56
CA LEU B 19 -14.66 26.36 -16.74
C LEU B 19 -15.47 25.13 -16.42
N TYR B 20 -15.76 24.32 -17.44
CA TYR B 20 -16.54 23.13 -17.23
C TYR B 20 -15.87 21.93 -17.88
N PHE B 21 -15.90 20.83 -17.15
CA PHE B 21 -15.41 19.56 -17.60
C PHE B 21 -16.50 18.52 -17.27
N GLN B 22 -17.09 17.93 -18.30
CA GLN B 22 -18.18 16.96 -18.16
C GLN B 22 -19.32 17.52 -17.32
N SER B 23 -19.71 18.75 -17.67
CA SER B 23 -20.77 19.47 -17.00
C SER B 23 -20.46 19.88 -15.56
N MET B 24 -19.27 19.51 -15.05
CA MET B 24 -18.85 19.90 -13.71
C MET B 24 -17.98 21.14 -13.74
N PRO B 25 -18.23 22.19 -12.71
CA PRO B 25 -17.41 23.41 -12.75
C PRO B 25 -16.01 23.11 -12.27
N LEU B 26 -15.04 23.79 -12.86
CA LEU B 26 -13.65 23.65 -12.57
C LEU B 26 -13.06 25.05 -12.59
N GLN B 27 -12.16 25.31 -11.64
CA GLN B 27 -11.35 26.52 -11.61
C GLN B 27 -9.91 26.19 -11.47
N LEU B 28 -9.07 26.86 -12.25
CA LEU B 28 -7.64 26.67 -12.18
C LEU B 28 -7.11 27.51 -11.00
N LEU B 29 -6.18 26.96 -10.24
CA LEU B 29 -5.57 27.68 -9.11
C LEU B 29 -4.23 28.23 -9.50
N GLU B 30 -3.27 27.37 -9.76
CA GLU B 30 -1.93 27.82 -10.15
C GLU B 30 -1.13 26.70 -10.77
N VAL B 31 -0.14 27.09 -11.56
CA VAL B 31 0.75 26.14 -12.19
C VAL B 31 1.60 25.53 -11.10
N LYS B 32 1.64 24.21 -11.07
CA LYS B 32 2.32 23.43 -10.04
C LYS B 32 3.66 22.89 -10.58
N ALA B 33 3.73 22.55 -11.87
CA ALA B 33 4.90 21.82 -12.39
C ALA B 33 4.81 21.76 -13.89
N ARG B 34 5.92 21.42 -14.49
CA ARG B 34 6.03 21.26 -15.91
C ARG B 34 6.25 19.76 -16.16
N GLY B 35 5.44 19.18 -17.03
CA GLY B 35 5.66 17.81 -17.45
C GLY B 35 6.58 17.79 -18.66
N ARG B 36 6.93 16.61 -19.12
CA ARG B 36 7.70 16.53 -20.35
C ARG B 36 7.00 17.22 -21.52
N PHE B 37 5.66 17.12 -21.57
CA PHE B 37 4.88 17.66 -22.68
C PHE B 37 3.75 18.59 -22.28
N GLY B 38 3.52 18.76 -21.01
CA GLY B 38 2.43 19.64 -20.65
C GLY B 38 2.73 20.43 -19.42
N CYS B 39 1.88 21.41 -19.23
CA CYS B 39 1.87 22.24 -18.08
C CYS B 39 0.87 21.67 -17.06
N VAL B 40 1.29 21.47 -15.82
CA VAL B 40 0.49 20.84 -14.79
C VAL B 40 -0.07 21.91 -13.83
N TRP B 41 -1.39 22.03 -13.82
CA TRP B 41 -2.07 22.97 -12.96
C TRP B 41 -2.70 22.29 -11.78
N LYS B 42 -2.59 22.90 -10.61
CA LYS B 42 -3.48 22.61 -9.52
C LYS B 42 -4.82 23.23 -9.84
N ALA B 43 -5.88 22.46 -9.66
CA ALA B 43 -7.23 22.92 -10.02
C ALA B 43 -8.24 22.40 -9.02
N GLN B 44 -9.42 23.02 -9.01
CA GLN B 44 -10.55 22.58 -8.21
C GLN B 44 -11.70 22.15 -9.12
N LEU B 45 -12.06 20.88 -9.00
CA LEU B 45 -13.15 20.34 -9.78
C LEU B 45 -14.26 19.98 -8.78
N LEU B 46 -15.39 20.67 -8.92
CA LEU B 46 -16.50 20.55 -7.99
C LEU B 46 -15.91 20.91 -6.63
N ASN B 47 -15.78 19.98 -5.68
CA ASN B 47 -15.19 20.29 -4.37
C ASN B 47 -13.90 19.53 -4.03
N GLU B 48 -13.15 19.10 -5.05
CA GLU B 48 -11.91 18.37 -4.80
C GLU B 48 -10.83 19.00 -5.65
N TYR B 49 -9.61 18.98 -5.16
CA TYR B 49 -8.50 19.36 -5.99
C TYR B 49 -8.08 18.24 -6.94
N VAL B 50 -7.79 18.64 -8.17
CA VAL B 50 -7.29 17.75 -9.19
C VAL B 50 -6.09 18.43 -9.88
N ALA B 51 -5.37 17.66 -10.68
CA ALA B 51 -4.33 18.18 -11.54
C ALA B 51 -4.85 18.20 -12.97
N VAL B 52 -4.73 19.34 -13.65
CA VAL B 52 -5.07 19.45 -15.07
C VAL B 52 -3.79 19.70 -15.84
N LYS B 53 -3.41 18.71 -16.65
CA LYS B 53 -2.24 18.79 -17.47
C LYS B 53 -2.64 19.33 -18.86
N ILE B 54 -2.10 20.50 -19.19
CA ILE B 54 -2.50 21.20 -20.41
C ILE B 54 -1.36 21.10 -21.39
N PHE B 55 -1.66 20.51 -22.55
CA PHE B 55 -0.68 20.24 -23.57
C PHE B 55 -0.98 21.17 -24.73
N PRO B 56 0.07 21.71 -25.37
CA PRO B 56 -0.18 22.40 -26.63
C PRO B 56 -0.46 21.40 -27.74
N ILE B 57 -1.12 21.88 -28.79
CA ILE B 57 -1.64 21.02 -29.85
C ILE B 57 -0.53 20.25 -30.56
N GLN B 58 0.69 20.79 -30.55
CA GLN B 58 1.79 20.08 -31.23
C GLN B 58 2.30 18.85 -30.48
N ASP B 59 2.00 18.74 -29.18
CA ASP B 59 2.29 17.50 -28.45
C ASP B 59 1.07 16.60 -28.27
N LYS B 60 0.15 16.65 -29.25
CA LYS B 60 -1.00 15.78 -29.28
C LYS B 60 -0.60 14.31 -29.21
N GLN B 61 0.49 13.95 -29.86
CA GLN B 61 0.92 12.56 -29.87
C GLN B 61 1.17 12.05 -28.47
N SER B 62 1.78 12.89 -27.65
CA SER B 62 2.11 12.52 -26.28
C SER B 62 0.87 12.52 -25.41
N TRP B 63 0.00 13.48 -25.60
CA TRP B 63 -1.31 13.46 -24.94
C TRP B 63 -2.07 12.20 -25.32
N GLN B 64 -2.13 11.89 -26.60
CA GLN B 64 -2.82 10.69 -27.09
C GLN B 64 -2.21 9.42 -26.49
N ASN B 65 -0.88 9.35 -26.46
CA ASN B 65 -0.21 8.18 -25.84
C ASN B 65 -0.60 7.99 -24.38
N GLU B 66 -0.60 9.08 -23.62
CA GLU B 66 -0.91 8.98 -22.20
C GLU B 66 -2.38 8.57 -21.93
N TYR B 67 -3.28 9.14 -22.74
CA TYR B 67 -4.71 8.81 -22.72
C TYR B 67 -4.91 7.32 -23.02
N GLU B 68 -4.24 6.86 -24.06
CA GLU B 68 -4.31 5.44 -24.43
C GLU B 68 -3.81 4.49 -23.35
N VAL B 69 -2.76 4.88 -22.63
CA VAL B 69 -2.21 4.04 -21.59
C VAL B 69 -3.16 3.97 -20.41
N TYR B 70 -3.73 5.10 -20.06
CA TYR B 70 -4.69 5.11 -19.00
C TYR B 70 -6.00 4.43 -19.40
N SER B 71 -6.23 4.22 -20.69
CA SER B 71 -7.42 3.55 -21.14
C SER B 71 -7.23 2.04 -21.26
N LEU B 72 -6.01 1.55 -21.01
CA LEU B 72 -5.73 0.12 -21.00
C LEU B 72 -6.40 -0.61 -19.83
N PRO B 73 -6.73 -1.89 -20.03
CA PRO B 73 -7.38 -2.67 -18.96
C PRO B 73 -6.52 -2.63 -17.71
N GLY B 74 -7.14 -2.49 -16.54
CA GLY B 74 -6.44 -2.62 -15.25
C GLY B 74 -5.64 -1.44 -14.73
N MET B 75 -5.72 -0.30 -15.39
CA MET B 75 -4.92 0.87 -15.03
C MET B 75 -5.60 1.70 -13.97
N LYS B 76 -6.00 1.04 -12.89
N LYS B 76 -5.84 1.04 -12.85
CA LYS B 76 -6.38 1.72 -11.66
CA LYS B 76 -6.43 1.64 -11.68
C LYS B 76 -5.65 0.97 -10.56
C LYS B 76 -5.70 0.96 -10.52
N HIS B 77 -4.92 1.71 -9.75
CA HIS B 77 -4.04 1.14 -8.74
C HIS B 77 -3.56 2.21 -7.83
N GLU B 78 -3.46 1.84 -6.57
CA GLU B 78 -2.95 2.67 -5.52
C GLU B 78 -1.65 3.41 -5.88
N ASN B 79 -0.77 2.76 -6.63
CA ASN B 79 0.56 3.26 -6.89
C ASN B 79 0.73 3.69 -8.33
N ILE B 80 -0.39 3.95 -9.00
N ILE B 80 -0.39 3.95 -8.99
CA ILE B 80 -0.43 4.60 -10.30
CA ILE B 80 -0.43 4.62 -10.28
C ILE B 80 -1.29 5.85 -10.12
C ILE B 80 -1.28 5.86 -10.09
N LEU B 81 -0.78 7.00 -10.53
CA LEU B 81 -1.52 8.24 -10.39
C LEU B 81 -2.90 8.09 -11.02
N GLN B 82 -3.90 8.53 -10.28
CA GLN B 82 -5.27 8.29 -10.67
C GLN B 82 -5.75 9.15 -11.82
N PHE B 83 -6.21 8.48 -12.87
CA PHE B 83 -6.74 9.13 -14.05
C PHE B 83 -8.18 9.56 -13.84
N ILE B 84 -8.48 10.80 -14.21
CA ILE B 84 -9.85 11.26 -14.06
C ILE B 84 -10.50 11.40 -15.44
N GLY B 85 -9.79 11.96 -16.40
CA GLY B 85 -10.35 12.11 -17.76
C GLY B 85 -9.42 12.89 -18.69
N ALA B 86 -9.78 12.93 -19.96
CA ALA B 86 -8.98 13.63 -20.96
C ALA B 86 -9.89 14.12 -22.06
N GLU B 87 -9.58 15.28 -22.62
CA GLU B 87 -10.32 15.80 -23.76
C GLU B 87 -9.60 16.89 -24.52
N LYS B 88 -9.96 17.03 -25.81
CA LYS B 88 -9.61 18.20 -26.61
C LYS B 88 -10.49 19.37 -26.23
N ARG B 89 -9.93 20.56 -26.19
CA ARG B 89 -10.65 21.76 -25.81
C ARG B 89 -10.47 22.82 -26.85
N GLY B 90 -11.52 23.60 -27.06
CA GLY B 90 -11.47 24.75 -27.95
C GLY B 90 -12.07 24.45 -29.30
N THR B 91 -11.64 25.18 -30.30
CA THR B 91 -12.16 25.02 -31.65
C THR B 91 -11.10 24.35 -32.51
N SER B 92 -11.49 23.92 -33.71
CA SER B 92 -10.55 23.25 -34.60
C SER B 92 -9.40 24.19 -34.93
N VAL B 93 -9.67 25.49 -34.91
CA VAL B 93 -8.64 26.51 -35.09
C VAL B 93 -7.71 26.61 -33.88
N ASP B 94 -8.28 26.72 -32.68
CA ASP B 94 -7.50 26.96 -31.46
C ASP B 94 -7.69 25.85 -30.41
N VAL B 95 -6.81 24.85 -30.41
CA VAL B 95 -7.00 23.61 -29.65
C VAL B 95 -6.00 23.47 -28.52
N ASP B 96 -6.49 23.10 -27.34
CA ASP B 96 -5.66 22.68 -26.22
C ASP B 96 -6.05 21.26 -25.92
N LEU B 97 -5.15 20.52 -25.28
CA LEU B 97 -5.44 19.17 -24.85
C LEU B 97 -5.28 19.11 -23.33
N TRP B 98 -6.26 18.50 -22.67
CA TRP B 98 -6.25 18.39 -21.22
C TRP B 98 -6.23 16.97 -20.83
N LEU B 99 -5.45 16.67 -19.78
CA LEU B 99 -5.54 15.39 -19.12
C LEU B 99 -5.61 15.63 -17.63
N ILE B 100 -6.67 15.13 -17.00
CA ILE B 100 -6.92 15.39 -15.59
C ILE B 100 -6.67 14.14 -14.79
N THR B 101 -5.95 14.33 -13.71
CA THR B 101 -5.64 13.28 -12.76
C THR B 101 -5.87 13.80 -11.34
N ALA B 102 -5.64 12.94 -10.35
CA ALA B 102 -5.65 13.35 -8.97
C ALA B 102 -4.53 14.34 -8.76
N PHE B 103 -4.63 15.10 -7.68
CA PHE B 103 -3.59 16.03 -7.23
C PHE B 103 -3.06 15.62 -5.87
N HIS B 104 -1.75 15.76 -5.69
CA HIS B 104 -1.05 15.39 -4.46
C HIS B 104 -0.23 16.55 -4.00
N GLU B 105 -0.62 17.10 -2.86
CA GLU B 105 -0.10 18.37 -2.37
C GLU B 105 1.42 18.35 -2.20
N LYS B 106 1.97 17.20 -1.80
CA LYS B 106 3.43 17.07 -1.60
C LYS B 106 4.23 17.01 -2.89
N GLY B 107 3.52 16.79 -3.99
CA GLY B 107 4.17 16.80 -5.28
C GLY B 107 5.12 15.64 -5.48
N SER B 108 6.17 15.88 -6.23
CA SER B 108 7.02 14.82 -6.68
C SER B 108 8.04 14.50 -5.62
N LEU B 109 8.56 13.27 -5.68
CA LEU B 109 9.59 12.83 -4.75
C LEU B 109 10.76 13.81 -4.81
N SER B 110 11.06 14.22 -6.02
CA SER B 110 12.17 15.14 -6.26
C SER B 110 12.03 16.39 -5.38
N ASP B 111 10.90 17.07 -5.43
CA ASP B 111 10.70 18.26 -4.59
C ASP B 111 10.69 17.96 -3.10
N PHE B 112 10.11 16.84 -2.73
CA PHE B 112 10.08 16.43 -1.34
C PHE B 112 11.49 16.30 -0.78
N LEU B 113 12.33 15.59 -1.51
CA LEU B 113 13.73 15.34 -1.09
C LEU B 113 14.58 16.59 -1.02
N LYS B 114 14.32 17.56 -1.91
CA LYS B 114 15.02 18.86 -1.89
C LYS B 114 14.75 19.56 -0.55
N ALA B 115 13.50 19.55 -0.12
CA ALA B 115 13.08 20.20 1.13
C ALA B 115 13.23 19.35 2.41
N ASN B 116 13.40 18.03 2.28
CA ASN B 116 13.28 17.15 3.43
C ASN B 116 14.27 16.02 3.39
N VAL B 117 14.65 15.55 4.57
CA VAL B 117 15.37 14.30 4.74
C VAL B 117 14.32 13.23 5.01
N VAL B 118 14.69 11.97 4.87
CA VAL B 118 13.80 10.85 5.22
C VAL B 118 14.44 9.92 6.25
N SER B 119 13.61 9.38 7.12
CA SER B 119 14.03 8.31 8.02
C SER B 119 14.10 7.00 7.22
N TRP B 120 14.74 6.01 7.83
CA TRP B 120 14.75 4.67 7.27
C TRP B 120 13.35 4.16 6.96
N ASN B 121 12.43 4.31 7.89
CA ASN B 121 11.08 3.75 7.68
C ASN B 121 10.26 4.51 6.62
N GLU B 122 10.42 5.84 6.56
CA GLU B 122 9.85 6.64 5.47
C GLU B 122 10.43 6.22 4.12
N LEU B 123 11.74 6.08 4.08
CA LEU B 123 12.43 5.57 2.88
C LEU B 123 11.83 4.24 2.40
N CYS B 124 11.69 3.31 3.32
CA CYS B 124 11.17 1.99 3.00
C CYS B 124 9.74 2.05 2.47
N HIS B 125 8.90 2.86 3.08
CA HIS B 125 7.56 3.02 2.58
C HIS B 125 7.55 3.58 1.14
N ILE B 126 8.29 4.65 0.90
CA ILE B 126 8.34 5.29 -0.41
C ILE B 126 8.86 4.31 -1.43
N ALA B 127 9.95 3.62 -1.10
CA ALA B 127 10.59 2.61 -1.96
C ALA B 127 9.67 1.45 -2.30
N GLU B 128 8.99 0.93 -1.29
CA GLU B 128 8.16 -0.24 -1.49
C GLU B 128 6.95 0.12 -2.33
N THR B 129 6.29 1.25 -2.03
CA THR B 129 5.13 1.66 -2.79
C THR B 129 5.51 2.04 -4.23
N MET B 130 6.65 2.71 -4.42
CA MET B 130 7.11 2.97 -5.77
C MET B 130 7.38 1.67 -6.56
N ALA B 131 8.05 0.73 -5.93
CA ALA B 131 8.36 -0.57 -6.56
C ALA B 131 7.11 -1.36 -6.93
N ARG B 132 6.07 -1.31 -6.11
CA ARG B 132 4.79 -1.98 -6.44
C ARG B 132 4.13 -1.39 -7.66
N GLY B 133 4.06 -0.07 -7.73
CA GLY B 133 3.52 0.63 -8.91
C GLY B 133 4.20 0.18 -10.19
N LEU B 134 5.55 0.22 -10.18
CA LEU B 134 6.31 -0.14 -11.35
C LEU B 134 6.14 -1.63 -11.64
N ALA B 135 6.22 -2.47 -10.60
CA ALA B 135 5.99 -3.90 -10.80
C ALA B 135 4.61 -4.10 -11.43
N TYR B 136 3.58 -3.42 -10.94
CA TYR B 136 2.26 -3.54 -11.52
C TYR B 136 2.19 -3.04 -12.98
N LEU B 137 2.79 -1.90 -13.25
CA LEU B 137 2.85 -1.39 -14.60
C LEU B 137 3.47 -2.42 -15.55
N HIS B 138 4.62 -2.96 -15.14
CA HIS B 138 5.33 -4.01 -15.87
C HIS B 138 4.63 -5.34 -16.00
N GLU B 139 3.58 -5.61 -15.22
CA GLU B 139 2.95 -6.95 -15.21
C GLU B 139 1.87 -7.12 -16.30
N ASP B 140 1.94 -8.23 -17.03
CA ASP B 140 0.88 -8.61 -17.98
C ASP B 140 -0.14 -9.39 -17.18
N ILE B 141 -1.43 -9.08 -17.34
CA ILE B 141 -2.46 -9.63 -16.48
C ILE B 141 -3.70 -9.95 -17.31
N PRO B 142 -3.87 -11.23 -17.65
CA PRO B 142 -5.11 -11.69 -18.29
C PRO B 142 -6.30 -11.68 -17.33
N GLY B 143 -7.49 -11.59 -17.89
CA GLY B 143 -8.67 -11.93 -17.17
C GLY B 143 -9.36 -10.83 -16.45
N LEU B 144 -8.98 -9.57 -16.72
CA LEU B 144 -9.70 -8.47 -16.12
C LEU B 144 -11.04 -8.28 -16.80
N LYS B 145 -11.98 -7.69 -16.07
CA LYS B 145 -13.28 -7.39 -16.64
C LYS B 145 -13.19 -6.44 -17.84
N ASP B 146 -12.25 -5.50 -17.86
CA ASP B 146 -12.17 -4.64 -19.05
C ASP B 146 -11.12 -5.07 -20.07
N GLY B 147 -10.62 -6.31 -20.00
CA GLY B 147 -9.68 -6.86 -20.95
C GLY B 147 -8.38 -7.44 -20.37
N HIS B 148 -7.37 -7.52 -21.24
CA HIS B 148 -6.08 -8.10 -20.91
C HIS B 148 -5.13 -6.95 -20.67
N LYS B 149 -4.65 -6.78 -19.44
CA LYS B 149 -3.63 -5.77 -19.18
C LYS B 149 -2.31 -6.23 -19.74
N PRO B 150 -1.74 -5.46 -20.71
CA PRO B 150 -0.42 -5.80 -21.18
C PRO B 150 0.65 -5.27 -20.26
N ALA B 151 1.87 -5.78 -20.39
CA ALA B 151 3.02 -5.20 -19.74
C ALA B 151 3.23 -3.83 -20.38
N ILE B 152 3.58 -2.86 -19.55
CA ILE B 152 3.83 -1.48 -20.00
C ILE B 152 5.20 -0.99 -19.52
N SER B 153 6.07 -0.47 -20.39
CA SER B 153 7.28 0.25 -19.90
C SER B 153 6.96 1.70 -19.71
N HIS B 154 7.52 2.30 -18.67
CA HIS B 154 7.34 3.75 -18.46
C HIS B 154 8.19 4.64 -19.37
N ARG B 155 9.50 4.31 -19.48
CA ARG B 155 10.47 5.02 -20.31
C ARG B 155 10.94 6.40 -19.82
N ASP B 156 10.50 6.86 -18.66
CA ASP B 156 11.08 8.09 -18.13
C ASP B 156 10.97 8.08 -16.64
N ILE B 157 11.41 6.99 -16.03
CA ILE B 157 11.36 6.84 -14.58
C ILE B 157 12.38 7.80 -13.99
N LYS B 158 11.94 8.56 -13.00
CA LYS B 158 12.80 9.53 -12.33
C LYS B 158 11.99 10.07 -11.16
N SER B 159 12.66 10.79 -10.27
CA SER B 159 12.03 11.27 -9.05
C SER B 159 10.94 12.30 -9.30
N LYS B 160 11.08 13.07 -10.36
CA LYS B 160 10.06 14.04 -10.71
C LYS B 160 8.73 13.35 -11.09
N ASN B 161 8.78 12.09 -11.55
CA ASN B 161 7.57 11.37 -11.96
C ASN B 161 7.09 10.37 -10.92
N VAL B 162 7.60 10.48 -9.70
CA VAL B 162 7.05 9.72 -8.58
C VAL B 162 6.40 10.74 -7.69
N LEU B 163 5.08 10.63 -7.50
CA LEU B 163 4.35 11.56 -6.65
C LEU B 163 4.08 10.91 -5.32
N LEU B 164 4.02 11.74 -4.28
CA LEU B 164 3.84 11.28 -2.92
C LEU B 164 2.50 11.76 -2.38
N LYS B 165 1.71 10.80 -1.91
CA LYS B 165 0.49 11.05 -1.19
C LYS B 165 0.82 11.59 0.19
N ASN B 166 -0.20 11.99 0.95
CA ASN B 166 0.07 12.66 2.24
C ASN B 166 0.79 11.78 3.31
N ASN B 167 0.61 10.47 3.24
CA ASN B 167 1.40 9.55 4.08
C ASN B 167 2.66 9.00 3.37
N LEU B 168 3.13 9.70 2.34
CA LEU B 168 4.33 9.32 1.59
C LEU B 168 4.19 8.08 0.72
N THR B 169 2.97 7.56 0.55
CA THR B 169 2.72 6.51 -0.44
C THR B 169 3.04 7.06 -1.83
N ALA B 170 3.91 6.36 -2.54
CA ALA B 170 4.37 6.76 -3.89
C ALA B 170 3.36 6.36 -4.96
N CYS B 171 3.18 7.17 -6.00
CA CYS B 171 2.53 6.67 -7.24
C CYS B 171 3.28 7.17 -8.46
N ILE B 172 3.26 6.36 -9.52
CA ILE B 172 3.97 6.64 -10.76
C ILE B 172 3.07 7.50 -11.63
N ALA B 173 3.63 8.59 -12.15
CA ALA B 173 2.93 9.55 -12.97
C ALA B 173 3.66 9.73 -14.32
N ASP B 174 2.94 10.29 -15.28
CA ASP B 174 3.41 10.66 -16.62
C ASP B 174 3.72 9.51 -17.60
N PHE B 175 2.69 9.13 -18.37
CA PHE B 175 2.74 8.01 -19.30
C PHE B 175 2.82 8.46 -20.76
N GLY B 176 3.31 9.70 -20.95
CA GLY B 176 3.47 10.30 -22.27
C GLY B 176 4.42 9.52 -23.17
N LEU B 177 5.43 8.89 -22.57
CA LEU B 177 6.36 8.05 -23.33
C LEU B 177 6.11 6.55 -23.17
N ALA B 178 5.14 6.15 -22.34
CA ALA B 178 4.98 4.74 -21.97
C ALA B 178 4.63 3.92 -23.21
N LEU B 179 5.06 2.66 -23.22
CA LEU B 179 4.88 1.75 -24.35
C LEU B 179 4.44 0.35 -23.91
N LYS B 180 3.32 -0.11 -24.46
CA LYS B 180 2.79 -1.43 -24.12
C LYS B 180 3.42 -2.51 -25.00
N PHE B 181 3.24 -3.76 -24.61
CA PHE B 181 3.78 -4.92 -25.31
C PHE B 181 2.73 -6.01 -25.33
N GLU B 182 2.37 -6.44 -26.52
CA GLU B 182 1.37 -7.50 -26.72
C GLU B 182 2.10 -8.75 -27.13
N ALA B 183 1.62 -9.90 -26.66
CA ALA B 183 2.27 -11.20 -26.90
C ALA B 183 2.67 -11.42 -28.36
N GLY B 184 1.81 -10.95 -29.28
CA GLY B 184 1.97 -11.25 -30.71
C GLY B 184 2.54 -10.13 -31.57
N LYS B 185 3.33 -9.25 -30.96
CA LYS B 185 3.93 -8.13 -31.71
C LYS B 185 5.33 -7.74 -31.17
N SER B 186 6.16 -7.19 -32.06
CA SER B 186 7.38 -6.48 -31.64
C SER B 186 6.99 -5.15 -31.01
N ALA B 187 7.94 -4.53 -30.30
CA ALA B 187 7.74 -3.20 -29.73
C ALA B 187 7.12 -2.23 -30.76
N GLY B 188 6.03 -1.57 -30.37
CA GLY B 188 5.39 -0.54 -31.18
C GLY B 188 6.26 0.70 -31.33
N ASP B 189 5.75 1.68 -32.08
CA ASP B 189 6.56 2.83 -32.50
C ASP B 189 6.80 3.88 -31.39
N THR B 190 8.07 4.19 -31.14
CA THR B 190 8.49 5.16 -30.12
C THR B 190 8.39 6.63 -30.59
N HIS B 191 8.20 6.82 -31.90
CA HIS B 191 8.05 8.15 -32.54
C HIS B 191 9.21 9.10 -32.30
N GLY B 192 10.41 8.55 -32.11
CA GLY B 192 11.61 9.37 -31.87
C GLY B 192 11.76 10.01 -30.48
N GLN B 193 10.76 9.84 -29.61
CA GLN B 193 10.82 10.40 -28.25
C GLN B 193 11.65 9.48 -27.29
N VAL B 194 12.50 10.10 -26.46
CA VAL B 194 13.32 9.38 -25.45
C VAL B 194 13.16 10.09 -24.10
N GLY B 195 13.68 9.49 -23.04
CA GLY B 195 13.48 10.02 -21.68
C GLY B 195 14.54 11.02 -21.24
N THR B 196 14.72 11.14 -19.92
CA THR B 196 15.64 12.11 -19.34
C THR B 196 17.05 11.55 -19.35
N ARG B 197 17.97 12.34 -19.88
CA ARG B 197 19.36 11.95 -20.09
C ARG B 197 20.03 11.40 -18.89
N ARG B 198 19.98 12.13 -17.78
CA ARG B 198 20.75 11.69 -16.62
C ARG B 198 20.34 10.30 -16.14
N TYR B 199 19.14 9.84 -16.50
CA TYR B 199 18.63 8.56 -16.00
C TYR B 199 18.74 7.48 -17.08
N MET B 200 19.27 7.83 -18.25
CA MET B 200 19.36 6.86 -19.35
C MET B 200 20.36 5.78 -19.04
N ALA B 201 19.99 4.53 -19.32
CA ALA B 201 20.89 3.40 -19.11
C ALA B 201 21.98 3.43 -20.19
N PRO B 202 23.15 2.78 -19.94
CA PRO B 202 24.26 2.81 -20.90
C PRO B 202 23.87 2.39 -22.30
N GLU B 203 23.15 1.29 -22.42
CA GLU B 203 22.73 0.79 -23.74
C GLU B 203 21.89 1.86 -24.47
N VAL B 204 21.17 2.69 -23.72
CA VAL B 204 20.36 3.75 -24.33
C VAL B 204 21.25 4.94 -24.76
N LEU B 205 22.14 5.35 -23.87
CA LEU B 205 23.19 6.32 -24.19
C LEU B 205 24.06 5.90 -25.40
N GLU B 206 24.33 4.60 -25.51
CA GLU B 206 25.09 4.08 -26.66
C GLU B 206 24.30 4.08 -27.96
N GLY B 207 23.00 4.35 -27.93
CA GLY B 207 22.19 4.35 -29.13
C GLY B 207 21.83 2.95 -29.61
N ALA B 208 21.99 1.93 -28.76
CA ALA B 208 21.54 0.58 -29.10
C ALA B 208 20.06 0.62 -29.45
N ILE B 209 19.66 -0.23 -30.38
CA ILE B 209 18.31 -0.18 -30.96
C ILE B 209 17.75 -1.59 -31.07
N ASN B 210 16.60 -1.72 -31.74
CA ASN B 210 15.91 -3.02 -31.89
C ASN B 210 15.42 -3.58 -30.55
N PHE B 211 15.09 -2.70 -29.62
CA PHE B 211 14.66 -3.10 -28.28
C PHE B 211 13.35 -3.83 -28.28
N GLN B 212 13.26 -4.83 -27.41
CA GLN B 212 12.02 -5.54 -27.11
C GLN B 212 11.70 -5.43 -25.62
N ARG B 213 10.55 -5.98 -25.23
CA ARG B 213 9.96 -5.79 -23.90
C ARG B 213 10.97 -5.81 -22.76
N ASP B 214 11.66 -6.94 -22.62
CA ASP B 214 12.57 -7.12 -21.50
C ASP B 214 13.65 -6.02 -21.47
N ALA B 215 14.20 -5.66 -22.63
CA ALA B 215 15.18 -4.58 -22.68
C ALA B 215 14.53 -3.29 -22.13
N PHE B 216 13.30 -3.02 -22.55
CA PHE B 216 12.61 -1.80 -22.10
C PHE B 216 12.38 -1.84 -20.58
N LEU B 217 11.96 -2.99 -20.05
CA LEU B 217 11.76 -3.12 -18.60
C LEU B 217 13.07 -2.85 -17.84
N ARG B 218 14.16 -3.41 -18.35
CA ARG B 218 15.48 -3.24 -17.71
C ARG B 218 15.98 -1.79 -17.75
N ILE B 219 15.57 -1.06 -18.78
CA ILE B 219 15.87 0.37 -18.86
C ILE B 219 15.19 1.14 -17.73
N ASP B 220 13.91 0.84 -17.52
CA ASP B 220 13.17 1.38 -16.38
C ASP B 220 13.87 1.01 -15.07
N MET B 221 14.22 -0.26 -14.91
CA MET B 221 14.86 -0.70 -13.65
C MET B 221 16.22 0.00 -13.38
N TYR B 222 16.99 0.28 -14.45
CA TYR B 222 18.21 1.10 -14.30
C TYR B 222 17.84 2.46 -13.70
N ALA B 223 16.84 3.11 -14.28
CA ALA B 223 16.44 4.44 -13.80
C ALA B 223 15.92 4.36 -12.35
N MET B 224 15.27 3.27 -11.98
CA MET B 224 14.79 3.19 -10.60
C MET B 224 15.91 3.02 -9.57
N GLY B 225 16.97 2.33 -9.95
CA GLY B 225 18.18 2.30 -9.14
C GLY B 225 18.64 3.71 -8.77
N LEU B 226 18.65 4.60 -9.74
CA LEU B 226 19.08 5.96 -9.50
C LEU B 226 18.11 6.64 -8.50
N VAL B 227 16.81 6.40 -8.67
CA VAL B 227 15.80 6.98 -7.78
C VAL B 227 16.00 6.43 -6.36
N LEU B 228 16.21 5.12 -6.24
CA LEU B 228 16.58 4.53 -4.92
C LEU B 228 17.82 5.23 -4.30
N TRP B 229 18.83 5.51 -5.14
CA TRP B 229 20.00 6.26 -4.67
C TRP B 229 19.62 7.62 -4.16
N GLU B 230 18.74 8.32 -4.88
CA GLU B 230 18.28 9.62 -4.40
C GLU B 230 17.71 9.51 -2.99
N LEU B 231 16.91 8.47 -2.74
CA LEU B 231 16.39 8.20 -1.39
C LEU B 231 17.48 7.94 -0.36
N ALA B 232 18.40 7.04 -0.69
CA ALA B 232 19.59 6.79 0.15
C ALA B 232 20.35 8.08 0.48
N SER B 233 20.52 8.95 -0.51
CA SER B 233 21.30 10.16 -0.32
C SER B 233 20.68 11.11 0.68
N ARG B 234 19.42 10.91 1.03
CA ARG B 234 18.74 11.83 1.95
C ARG B 234 18.19 11.14 3.19
N CYS B 235 18.67 9.92 3.45
CA CYS B 235 18.17 9.11 4.54
C CYS B 235 19.05 9.26 5.80
N THR B 236 18.40 9.51 6.94
CA THR B 236 19.12 9.70 8.20
C THR B 236 19.65 8.42 8.83
N ALA B 237 19.35 7.25 8.29
CA ALA B 237 20.00 6.02 8.77
C ALA B 237 21.48 6.00 8.37
N ALA B 238 21.94 7.01 7.61
CA ALA B 238 23.36 7.16 7.35
C ALA B 238 23.99 7.53 8.69
N ASP B 239 25.17 7.01 8.90
CA ASP B 239 25.89 7.25 10.14
C ASP B 239 26.93 8.31 9.80
N GLY B 240 26.44 9.54 9.66
CA GLY B 240 27.27 10.65 9.22
C GLY B 240 26.39 11.73 8.64
N PRO B 241 27.00 12.75 8.03
CA PRO B 241 26.19 13.84 7.51
C PRO B 241 25.22 13.41 6.40
N VAL B 242 24.11 14.14 6.31
CA VAL B 242 23.24 14.10 5.16
C VAL B 242 23.37 15.46 4.49
N ASP B 243 23.86 15.46 3.27
CA ASP B 243 24.08 16.70 2.55
C ASP B 243 22.82 17.16 1.83
N GLU B 244 22.85 18.39 1.33
CA GLU B 244 21.73 18.92 0.56
C GLU B 244 21.50 18.05 -0.69
N TYR B 245 20.25 17.97 -1.13
CA TYR B 245 19.86 17.07 -2.22
C TYR B 245 20.63 17.37 -3.49
N MET B 246 21.09 16.34 -4.19
CA MET B 246 21.57 16.51 -5.55
C MET B 246 20.98 15.45 -6.51
N LEU B 247 20.78 15.87 -7.76
CA LEU B 247 20.30 14.95 -8.80
C LEU B 247 21.33 13.87 -8.97
N PRO B 248 20.91 12.66 -9.42
CA PRO B 248 21.91 11.66 -9.77
C PRO B 248 22.91 12.24 -10.79
N PHE B 249 24.19 11.97 -10.58
CA PHE B 249 25.27 12.46 -11.45
C PHE B 249 25.55 13.95 -11.39
N GLU B 250 24.83 14.67 -10.57
CA GLU B 250 25.03 16.12 -10.53
C GLU B 250 26.43 16.45 -10.04
N GLU B 251 26.90 15.72 -9.04
CA GLU B 251 28.25 15.91 -8.50
C GLU B 251 29.29 15.85 -9.61
N GLU B 252 29.09 14.99 -10.60
CA GLU B 252 30.07 14.72 -11.66
C GLU B 252 29.84 15.59 -12.90
N ILE B 253 28.61 15.66 -13.43
CA ILE B 253 28.38 16.36 -14.69
C ILE B 253 27.38 17.50 -14.59
N GLY B 254 27.03 17.90 -13.38
CA GLY B 254 26.20 19.09 -13.15
C GLY B 254 24.72 18.91 -13.43
N GLN B 255 24.05 20.04 -13.59
CA GLN B 255 22.61 20.10 -13.67
C GLN B 255 22.08 20.04 -15.12
N HIS B 256 22.90 20.37 -16.11
CA HIS B 256 22.44 20.37 -17.51
C HIS B 256 23.41 19.70 -18.46
N PRO B 257 23.59 18.38 -18.33
CA PRO B 257 24.61 17.66 -19.10
C PRO B 257 24.23 17.41 -20.53
N SER B 258 25.22 17.43 -21.43
CA SER B 258 24.97 16.97 -22.79
C SER B 258 24.91 15.42 -22.81
N LEU B 259 24.44 14.89 -23.94
CA LEU B 259 24.52 13.47 -24.26
C LEU B 259 25.95 12.94 -24.16
N GLU B 260 26.90 13.70 -24.70
CA GLU B 260 28.30 13.24 -24.67
C GLU B 260 28.84 13.21 -23.25
N ASP B 261 28.37 14.14 -22.42
CA ASP B 261 28.75 14.13 -21.01
C ASP B 261 28.25 12.84 -20.33
N MET B 262 26.98 12.52 -20.50
CA MET B 262 26.43 11.29 -19.92
C MET B 262 27.13 10.05 -20.48
N GLN B 263 27.37 10.04 -21.79
CA GLN B 263 28.03 8.94 -22.43
C GLN B 263 29.36 8.73 -21.73
N GLU B 264 30.12 9.80 -21.55
CA GLU B 264 31.44 9.66 -20.95
C GLU B 264 31.37 9.07 -19.55
N VAL B 265 30.52 9.64 -18.69
CA VAL B 265 30.55 9.22 -17.29
C VAL B 265 29.98 7.81 -17.12
N VAL B 266 28.93 7.50 -17.86
CA VAL B 266 28.19 6.25 -17.67
C VAL B 266 28.71 5.13 -18.58
N VAL B 267 28.82 5.41 -19.88
CA VAL B 267 29.23 4.36 -20.82
C VAL B 267 30.72 4.12 -20.67
N HIS B 268 31.51 5.17 -20.90
CA HIS B 268 32.96 5.00 -20.97
C HIS B 268 33.63 4.77 -19.64
N LYS B 269 33.28 5.49 -18.60
CA LYS B 269 33.90 5.27 -17.28
C LYS B 269 33.15 4.26 -16.37
N LYS B 270 31.98 3.81 -16.81
CA LYS B 270 31.12 2.93 -16.01
C LYS B 270 30.93 3.44 -14.58
N LYS B 271 30.78 4.76 -14.41
CA LYS B 271 30.59 5.37 -13.08
C LYS B 271 29.11 5.57 -12.75
N ARG B 272 28.86 5.65 -11.45
CA ARG B 272 27.52 5.71 -10.85
C ARG B 272 27.57 6.64 -9.67
N PRO B 273 26.40 7.13 -9.23
CA PRO B 273 26.47 8.00 -8.07
C PRO B 273 27.12 7.25 -6.91
N VAL B 274 27.83 7.99 -6.06
CA VAL B 274 28.58 7.38 -4.97
C VAL B 274 27.68 6.82 -3.88
N LEU B 275 27.77 5.50 -3.68
CA LEU B 275 27.26 4.80 -2.50
C LEU B 275 28.25 4.91 -1.34
N ARG B 276 28.01 5.83 -0.41
CA ARG B 276 29.00 6.14 0.64
C ARG B 276 29.27 5.04 1.64
N ASP B 277 30.49 5.06 2.16
CA ASP B 277 30.99 4.12 3.15
C ASP B 277 30.07 4.05 4.37
N TYR B 278 29.75 5.21 4.93
CA TYR B 278 28.98 5.25 6.15
C TYR B 278 27.46 5.00 5.94
N TRP B 279 27.09 4.65 4.71
CA TRP B 279 25.78 4.08 4.43
C TRP B 279 25.74 2.60 4.63
N GLN B 280 26.89 1.98 4.93
CA GLN B 280 26.96 0.52 5.08
C GLN B 280 26.71 0.04 6.53
N LYS B 281 26.78 0.95 7.50
CA LYS B 281 26.76 0.58 8.92
C LYS B 281 25.38 0.07 9.37
N HIS B 282 24.34 0.77 8.92
CA HIS B 282 22.95 0.37 9.11
C HIS B 282 22.71 -0.80 8.19
N ALA B 283 22.31 -1.92 8.76
CA ALA B 283 22.20 -3.20 8.04
C ALA B 283 21.12 -3.14 6.96
N GLY B 284 20.10 -2.33 7.18
CA GLY B 284 19.09 -2.02 6.15
C GLY B 284 19.68 -1.25 4.98
N MET B 285 20.28 -0.10 5.29
CA MET B 285 20.89 0.74 4.27
C MET B 285 21.96 0.01 3.47
N ALA B 286 22.67 -0.93 4.11
CA ALA B 286 23.67 -1.75 3.41
C ALA B 286 23.00 -2.63 2.34
N MET B 287 21.90 -3.26 2.70
CA MET B 287 21.11 -4.07 1.76
C MET B 287 20.47 -3.20 0.65
N LEU B 288 20.09 -1.97 0.98
CA LEU B 288 19.57 -1.01 -0.02
C LEU B 288 20.66 -0.69 -1.05
N CYS B 289 21.84 -0.36 -0.55
CA CYS B 289 23.03 -0.16 -1.37
C CYS B 289 23.31 -1.34 -2.32
N GLU B 290 23.27 -2.57 -1.80
CA GLU B 290 23.36 -3.78 -2.64
C GLU B 290 22.32 -3.77 -3.73
N THR B 291 21.05 -3.59 -3.35
CA THR B 291 19.95 -3.58 -4.31
C THR B 291 20.13 -2.55 -5.43
N ILE B 292 20.59 -1.34 -5.06
CA ILE B 292 20.85 -0.24 -6.02
C ILE B 292 21.89 -0.64 -7.08
N GLU B 293 22.98 -1.26 -6.64
CA GLU B 293 24.01 -1.72 -7.56
C GLU B 293 23.54 -2.78 -8.54
N GLU B 294 22.71 -3.68 -8.08
CA GLU B 294 22.07 -4.64 -8.97
C GLU B 294 21.08 -3.95 -9.93
N CYS B 295 20.42 -2.89 -9.49
CA CYS B 295 19.52 -2.18 -10.40
C CYS B 295 20.25 -1.45 -11.53
N TRP B 296 21.44 -0.93 -11.26
CA TRP B 296 22.09 -0.10 -12.26
C TRP B 296 23.30 -0.70 -12.92
N ASP B 297 23.37 -2.02 -12.88
CA ASP B 297 24.43 -2.78 -13.51
C ASP B 297 24.54 -2.42 -14.97
N HIS B 298 25.78 -2.25 -15.45
CA HIS B 298 26.04 -2.10 -16.86
C HIS B 298 25.36 -3.16 -17.67
N ASP B 299 25.31 -4.40 -17.17
CA ASP B 299 24.66 -5.51 -17.90
C ASP B 299 23.18 -5.53 -17.58
N ALA B 300 22.38 -5.28 -18.61
CA ALA B 300 20.91 -5.14 -18.48
C ALA B 300 20.31 -6.42 -17.93
N GLU B 301 20.80 -7.56 -18.45
CA GLU B 301 20.30 -8.87 -18.03
C GLU B 301 20.63 -9.19 -16.60
N ALA B 302 21.63 -8.53 -16.04
CA ALA B 302 21.94 -8.71 -14.61
C ALA B 302 21.01 -7.91 -13.70
N ARG B 303 20.23 -6.96 -14.24
CA ARG B 303 19.37 -6.09 -13.41
C ARG B 303 18.20 -6.81 -12.77
N LEU B 304 17.82 -6.41 -11.57
CA LEU B 304 16.65 -6.94 -10.88
C LEU B 304 15.37 -6.49 -11.58
N SER B 305 14.35 -7.33 -11.53
CA SER B 305 12.99 -6.97 -11.93
C SER B 305 12.40 -6.09 -10.87
N ALA B 306 11.35 -5.37 -11.23
CA ALA B 306 10.62 -4.52 -10.28
C ALA B 306 10.06 -5.35 -9.11
N GLY B 307 9.51 -6.51 -9.40
CA GLY B 307 9.03 -7.40 -8.36
C GLY B 307 10.15 -7.80 -7.41
N CYS B 308 11.28 -8.22 -7.97
N CYS B 308 11.28 -8.20 -7.96
CA CYS B 308 12.44 -8.56 -7.14
CA CYS B 308 12.42 -8.58 -7.14
C CYS B 308 12.77 -7.40 -6.21
C CYS B 308 12.87 -7.41 -6.23
N VAL B 309 12.83 -6.19 -6.75
CA VAL B 309 13.13 -5.02 -5.91
C VAL B 309 12.11 -4.86 -4.76
N GLY B 310 10.82 -5.06 -5.05
CA GLY B 310 9.79 -5.00 -4.01
C GLY B 310 10.11 -5.96 -2.89
N GLU B 311 10.48 -7.16 -3.27
CA GLU B 311 10.87 -8.21 -2.32
C GLU B 311 12.14 -7.88 -1.52
N ARG B 312 13.14 -7.29 -2.16
CA ARG B 312 14.33 -6.88 -1.43
C ARG B 312 13.96 -5.83 -0.39
N ILE B 313 13.08 -4.92 -0.80
CA ILE B 313 12.60 -3.88 0.11
C ILE B 313 11.85 -4.46 1.31
N THR B 314 11.02 -5.46 1.08
CA THR B 314 10.38 -6.18 2.17
C THR B 314 11.45 -6.82 3.06
N GLN B 315 12.40 -7.52 2.45
CA GLN B 315 13.42 -8.21 3.24
C GLN B 315 14.18 -7.23 4.09
N MET B 316 14.62 -6.13 3.48
CA MET B 316 15.50 -5.21 4.19
C MET B 316 14.81 -4.55 5.38
N GLN B 317 13.48 -4.40 5.33
CA GLN B 317 12.73 -3.87 6.49
C GLN B 317 12.32 -4.98 7.46
N ARG B 318 12.11 -6.20 6.96
CA ARG B 318 11.90 -7.38 7.83
C ARG B 318 13.04 -7.50 8.84
N LEU B 319 14.27 -7.37 8.35
CA LEU B 319 15.47 -7.35 9.19
C LEU B 319 15.83 -5.90 9.55
N THR B 320 16.97 -5.70 10.21
CA THR B 320 17.47 -4.35 10.57
C THR B 320 17.68 -4.25 12.08
#